data_1E9L
#
_entry.id   1E9L
#
_cell.length_a   51.340
_cell.length_b   60.660
_cell.length_c   60.760
_cell.angle_alpha   90.00
_cell.angle_beta   94.61
_cell.angle_gamma   90.00
#
_symmetry.space_group_name_H-M   'P 1 21 1'
#
loop_
_entity.id
_entity.type
_entity.pdbx_description
1 polymer 'YM1 SECRETORY PROTEIN'
2 non-polymer 2-amino-2-deoxy-beta-D-glucopyranose
3 water water
#
_entity_poly.entity_id   1
_entity_poly.type   'polypeptide(L)'
_entity_poly.pdbx_seq_one_letter_code
;YQLMCYYTSWAKDRPIEGSFKPGNIDPCLCTHLIYAFAGMQNNEITYTHEQDLRDYEALNGLKDKNTELKTLLAIGGWKF
GPAPFSAMVSTPQNRQIFIQSVIRFLRQYNFDGLNLDWQYPGSRGSPPKDKHLFSVLVKEMRKAFEEESVEKDIPRLLLT
STGAGIIDVIKSGYKIPELSQSLDYIQVMTYDLHDPKDGYTGENSPLYKSPYDIGKSADLNVDSIISYWKDHGAASEKLI
VGFPAYGHTFILSDPSKTGIGAPTISTGPPGKYTDESGLLAYYEVCTFLNEGATEVWDAPQEVPYAYQGNEWVGYDNVRS
FKLKAQWLKDNNLGGAVVWPLDMDDFSGSFCHQRHFPLTSTLKGDLNIHSASCKGPY
;
_entity_poly.pdbx_strand_id   A
#
# COMPACT_ATOMS: atom_id res chain seq x y z
N TYR A 1 6.65 -16.46 -2.51
CA TYR A 1 5.98 -15.12 -2.56
C TYR A 1 6.16 -14.41 -1.24
N GLN A 2 5.99 -13.10 -1.23
CA GLN A 2 6.10 -12.31 -0.01
C GLN A 2 4.73 -11.79 0.39
N LEU A 3 4.47 -11.72 1.69
CA LEU A 3 3.21 -11.17 2.18
C LEU A 3 3.60 -9.96 3.01
N MET A 4 3.60 -8.79 2.39
CA MET A 4 3.96 -7.56 3.07
C MET A 4 2.71 -6.95 3.67
N CYS A 5 2.88 -6.25 4.79
CA CYS A 5 1.77 -5.65 5.50
C CYS A 5 2.13 -4.31 6.10
N TYR A 6 1.30 -3.33 5.81
CA TYR A 6 1.51 -1.99 6.30
C TYR A 6 0.92 -1.78 7.69
N TYR A 7 1.67 -1.12 8.56
CA TYR A 7 1.17 -0.80 9.88
C TYR A 7 1.17 0.72 10.00
N THR A 8 -0.03 1.29 9.99
CA THR A 8 -0.25 2.72 10.11
C THR A 8 0.11 3.22 11.52
N SER A 9 0.71 4.40 11.61
CA SER A 9 1.09 4.94 12.92
C SER A 9 -0.08 5.61 13.63
N TRP A 10 -1.04 6.12 12.87
CA TRP A 10 -2.19 6.78 13.46
C TRP A 10 -3.33 5.79 13.73
N ALA A 11 -3.00 4.51 13.75
CA ALA A 11 -4.00 3.49 14.00
C ALA A 11 -4.28 3.35 15.50
N LYS A 12 -3.25 3.56 16.31
CA LYS A 12 -3.41 3.44 17.75
C LYS A 12 -4.07 4.69 18.35
N ASP A 13 -4.49 5.61 17.49
CA ASP A 13 -5.15 6.84 17.91
C ASP A 13 -6.67 6.76 17.68
N ARG A 14 -7.14 5.60 17.25
CA ARG A 14 -8.57 5.38 16.99
C ARG A 14 -9.25 4.94 18.27
N PRO A 15 -10.60 5.04 18.35
CA PRO A 15 -11.33 4.62 19.55
C PRO A 15 -10.79 3.27 20.01
N ILE A 16 -10.71 3.06 21.32
CA ILE A 16 -10.15 1.82 21.88
C ILE A 16 -10.34 0.54 21.04
N GLU A 17 -11.58 0.12 20.81
CA GLU A 17 -11.80 -1.11 20.04
C GLU A 17 -11.31 -1.04 18.59
N GLY A 18 -11.03 0.16 18.11
CA GLY A 18 -10.55 0.31 16.75
C GLY A 18 -9.07 0.65 16.72
N SER A 19 -8.41 0.57 17.88
CA SER A 19 -7.01 0.90 18.00
C SER A 19 -6.09 -0.31 17.82
N PHE A 20 -5.06 -0.14 16.99
CA PHE A 20 -4.13 -1.20 16.71
C PHE A 20 -2.71 -0.80 17.06
N LYS A 21 -2.12 -1.51 18.02
CA LYS A 21 -0.75 -1.25 18.45
C LYS A 21 0.18 -2.22 17.73
N PRO A 22 1.44 -1.81 17.50
CA PRO A 22 2.43 -2.64 16.80
C PRO A 22 2.67 -4.04 17.39
N GLY A 23 2.45 -4.18 18.69
CA GLY A 23 2.64 -5.47 19.33
C GLY A 23 1.39 -6.33 19.29
N ASN A 24 0.35 -5.85 18.63
CA ASN A 24 -0.89 -6.60 18.53
C ASN A 24 -0.88 -7.45 17.27
N ILE A 25 0.13 -7.26 16.43
CA ILE A 25 0.27 -8.01 15.19
C ILE A 25 0.82 -9.43 15.37
N ASP A 26 0.34 -10.34 14.53
CA ASP A 26 0.78 -11.73 14.54
C ASP A 26 2.14 -11.75 13.83
N PRO A 27 3.19 -12.18 14.53
CA PRO A 27 4.56 -12.26 13.98
C PRO A 27 4.77 -13.27 12.83
N CYS A 28 3.89 -14.26 12.74
CA CYS A 28 4.04 -15.27 11.70
C CYS A 28 3.07 -15.09 10.53
N LEU A 29 2.27 -14.01 10.57
CA LEU A 29 1.30 -13.74 9.51
C LEU A 29 1.91 -13.12 8.24
N CYS A 30 2.84 -12.19 8.39
CA CYS A 30 3.47 -11.56 7.22
C CYS A 30 4.94 -11.89 7.09
N THR A 31 5.52 -11.58 5.93
CA THR A 31 6.94 -11.83 5.69
C THR A 31 7.69 -10.50 5.90
N HIS A 32 7.03 -9.41 5.52
CA HIS A 32 7.60 -8.07 5.64
C HIS A 32 6.54 -7.16 6.26
N LEU A 33 6.97 -6.37 7.24
CA LEU A 33 6.09 -5.40 7.89
C LEU A 33 6.67 -4.04 7.55
N ILE A 34 5.82 -3.12 7.10
CA ILE A 34 6.27 -1.78 6.75
C ILE A 34 5.70 -0.77 7.76
N TYR A 35 6.53 0.16 8.21
CA TYR A 35 6.08 1.15 9.18
C TYR A 35 5.51 2.46 8.62
N ALA A 36 4.24 2.70 8.95
CA ALA A 36 3.46 3.89 8.56
C ALA A 36 4.30 4.82 7.77
N PHE A 37 4.84 5.84 8.44
CA PHE A 37 5.71 6.80 7.76
C PHE A 37 6.72 7.45 8.71
N ALA A 38 7.90 7.70 8.17
CA ALA A 38 8.96 8.38 8.90
C ALA A 38 8.94 9.78 8.30
N GLY A 39 9.71 10.69 8.87
CA GLY A 39 9.74 12.05 8.35
C GLY A 39 11.08 12.43 7.80
N MET A 40 11.19 13.69 7.40
CA MET A 40 12.42 14.23 6.84
C MET A 40 12.72 15.62 7.43
N GLN A 41 13.99 15.86 7.74
CA GLN A 41 14.42 17.13 8.31
C GLN A 41 15.86 17.41 7.91
N ASN A 42 16.08 18.46 7.15
CA ASN A 42 17.43 18.81 6.70
C ASN A 42 17.99 17.67 5.85
N ASN A 43 17.18 17.19 4.92
CA ASN A 43 17.55 16.11 4.02
C ASN A 43 18.09 14.90 4.78
N GLU A 44 17.52 14.68 5.95
CA GLU A 44 17.91 13.56 6.81
C GLU A 44 16.65 12.86 7.25
N ILE A 45 16.68 11.54 7.24
CA ILE A 45 15.53 10.79 7.68
C ILE A 45 15.43 10.91 9.18
N THR A 46 14.19 11.01 9.66
CA THR A 46 13.94 11.10 11.08
C THR A 46 12.49 10.69 11.31
N TYR A 47 12.10 10.52 12.57
CA TYR A 47 10.74 10.10 12.90
C TYR A 47 9.76 11.26 12.81
N THR A 48 8.47 10.91 12.81
CA THR A 48 7.39 11.90 12.72
C THR A 48 7.01 12.45 14.10
N HIS A 49 7.15 11.60 15.13
CA HIS A 49 6.83 11.97 16.50
C HIS A 49 7.68 11.14 17.44
N GLU A 50 7.95 11.67 18.62
CA GLU A 50 8.77 10.96 19.60
C GLU A 50 8.16 9.60 19.99
N GLN A 51 6.84 9.49 19.96
CA GLN A 51 6.16 8.24 20.32
C GLN A 51 6.59 7.13 19.39
N ASP A 52 6.98 7.49 18.17
CA ASP A 52 7.40 6.53 17.16
C ASP A 52 8.54 5.62 17.57
N LEU A 53 9.61 6.17 18.14
CA LEU A 53 10.74 5.36 18.56
C LEU A 53 10.30 4.14 19.38
N ARG A 54 9.19 4.29 20.10
CA ARG A 54 8.63 3.22 20.92
C ARG A 54 7.89 2.19 20.07
N ASP A 55 7.41 2.62 18.90
CA ASP A 55 6.71 1.73 17.98
C ASP A 55 7.74 0.87 17.23
N TYR A 56 8.91 1.47 16.99
CA TYR A 56 10.00 0.81 16.28
C TYR A 56 10.48 -0.36 17.12
N GLU A 57 10.71 -0.09 18.40
CA GLU A 57 11.19 -1.08 19.35
C GLU A 57 10.21 -2.25 19.48
N ALA A 58 8.91 -1.94 19.44
CA ALA A 58 7.88 -2.96 19.57
C ALA A 58 7.69 -3.68 18.24
N LEU A 59 7.80 -2.95 17.15
CA LEU A 59 7.64 -3.54 15.82
C LEU A 59 8.73 -4.57 15.53
N ASN A 60 9.96 -4.20 15.84
CA ASN A 60 11.11 -5.05 15.59
C ASN A 60 11.28 -6.12 16.65
N GLY A 61 10.62 -5.93 17.78
CA GLY A 61 10.70 -6.90 18.86
C GLY A 61 9.93 -8.15 18.48
N LEU A 62 9.20 -8.09 17.36
CA LEU A 62 8.43 -9.24 16.89
C LEU A 62 9.41 -10.20 16.21
N LYS A 63 10.53 -9.66 15.73
CA LYS A 63 11.54 -10.48 15.08
C LYS A 63 12.14 -11.50 16.06
N ASP A 64 11.61 -11.53 17.27
CA ASP A 64 12.08 -12.47 18.28
C ASP A 64 11.24 -13.73 18.13
N LYS A 65 9.94 -13.53 17.88
CA LYS A 65 9.03 -14.65 17.73
C LYS A 65 9.13 -15.21 16.31
N ASN A 66 9.41 -14.34 15.34
CA ASN A 66 9.56 -14.80 13.96
C ASN A 66 10.85 -14.25 13.36
N THR A 67 11.91 -15.05 13.50
CA THR A 67 13.24 -14.72 13.02
C THR A 67 13.38 -14.40 11.52
N GLU A 68 12.46 -14.88 10.69
CA GLU A 68 12.53 -14.64 9.25
C GLU A 68 11.82 -13.36 8.83
N LEU A 69 11.03 -12.81 9.73
CA LEU A 69 10.30 -11.59 9.50
C LEU A 69 11.27 -10.42 9.25
N LYS A 70 10.93 -9.59 8.26
CA LYS A 70 11.74 -8.43 7.89
C LYS A 70 10.88 -7.19 8.03
N THR A 71 11.46 -6.13 8.57
CA THR A 71 10.74 -4.88 8.74
C THR A 71 11.40 -3.79 7.91
N LEU A 72 10.55 -2.91 7.37
CA LEU A 72 10.99 -1.81 6.54
C LEU A 72 10.35 -0.53 7.04
N LEU A 73 11.07 0.58 6.85
CA LEU A 73 10.58 1.89 7.24
C LEU A 73 10.19 2.64 5.97
N ALA A 74 8.98 3.19 5.95
CA ALA A 74 8.51 3.92 4.77
C ALA A 74 8.56 5.43 4.94
N ILE A 75 9.15 6.12 3.98
CA ILE A 75 9.20 7.56 4.03
C ILE A 75 8.41 8.09 2.85
N GLY A 76 7.53 9.04 3.07
CA GLY A 76 6.74 9.58 1.98
C GLY A 76 5.26 9.53 2.29
N GLY A 77 4.46 9.18 1.30
CA GLY A 77 3.03 9.10 1.49
C GLY A 77 2.32 10.20 0.74
N TRP A 78 1.00 10.15 0.74
CA TRP A 78 0.24 11.17 0.03
C TRP A 78 0.25 12.54 0.70
N LYS A 79 0.05 12.57 2.02
CA LYS A 79 0.04 13.85 2.73
C LYS A 79 1.38 14.56 2.63
N PHE A 80 2.46 13.77 2.72
CA PHE A 80 3.82 14.29 2.65
C PHE A 80 4.04 15.16 1.42
N GLY A 81 3.57 14.67 0.28
CA GLY A 81 3.71 15.40 -0.97
C GLY A 81 5.08 15.25 -1.62
N PRO A 82 5.26 15.76 -2.85
CA PRO A 82 6.54 15.64 -3.53
C PRO A 82 7.64 16.64 -3.07
N ALA A 83 7.25 17.87 -2.75
CA ALA A 83 8.16 18.94 -2.33
C ALA A 83 9.47 18.59 -1.61
N PRO A 84 9.42 17.86 -0.50
CA PRO A 84 10.64 17.49 0.23
C PRO A 84 11.63 16.59 -0.54
N PHE A 85 11.10 15.73 -1.41
CA PHE A 85 11.94 14.84 -2.20
C PHE A 85 12.63 15.62 -3.31
N SER A 86 11.87 16.44 -4.01
CA SER A 86 12.36 17.26 -5.10
C SER A 86 13.57 18.05 -4.65
N ALA A 87 13.47 18.57 -3.42
CA ALA A 87 14.51 19.37 -2.82
C ALA A 87 15.68 18.54 -2.33
N MET A 88 15.42 17.29 -1.93
CA MET A 88 16.48 16.44 -1.44
C MET A 88 17.31 15.81 -2.57
N VAL A 89 16.67 15.52 -3.70
CA VAL A 89 17.38 14.92 -4.82
C VAL A 89 18.04 15.96 -5.72
N SER A 90 17.73 17.24 -5.49
CA SER A 90 18.26 18.34 -6.29
C SER A 90 19.77 18.41 -6.43
N THR A 91 20.50 18.05 -5.38
CA THR A 91 21.94 18.10 -5.43
C THR A 91 22.59 16.83 -4.88
N PRO A 92 23.78 16.46 -5.41
CA PRO A 92 24.46 15.26 -4.93
C PRO A 92 24.79 15.38 -3.44
N GLN A 93 24.95 16.61 -2.98
CA GLN A 93 25.28 16.85 -1.59
C GLN A 93 24.12 16.44 -0.71
N ASN A 94 22.94 16.94 -1.04
CA ASN A 94 21.73 16.62 -0.30
C ASN A 94 21.46 15.11 -0.33
N ARG A 95 21.69 14.51 -1.50
CA ARG A 95 21.51 13.08 -1.72
C ARG A 95 22.35 12.26 -0.75
N GLN A 96 23.65 12.54 -0.73
CA GLN A 96 24.57 11.83 0.14
C GLN A 96 24.24 11.99 1.62
N ILE A 97 23.65 13.13 2.00
CA ILE A 97 23.28 13.36 3.40
C ILE A 97 22.09 12.49 3.80
N PHE A 98 21.09 12.41 2.91
CA PHE A 98 19.90 11.61 3.16
C PHE A 98 20.30 10.14 3.29
N ILE A 99 21.00 9.64 2.27
CA ILE A 99 21.45 8.25 2.23
C ILE A 99 22.20 7.81 3.48
N GLN A 100 23.13 8.64 3.96
CA GLN A 100 23.88 8.28 5.14
C GLN A 100 22.97 8.26 6.37
N SER A 101 22.09 9.25 6.49
CA SER A 101 21.18 9.30 7.63
C SER A 101 20.23 8.09 7.60
N VAL A 102 19.82 7.69 6.40
CA VAL A 102 18.94 6.54 6.26
C VAL A 102 19.65 5.29 6.76
N ILE A 103 20.95 5.20 6.50
CA ILE A 103 21.74 4.04 6.94
C ILE A 103 21.93 4.06 8.46
N ARG A 104 22.40 5.18 8.99
CA ARG A 104 22.60 5.31 10.44
C ARG A 104 21.27 5.02 11.12
N PHE A 105 20.25 5.77 10.73
CA PHE A 105 18.92 5.62 11.30
C PHE A 105 18.36 4.21 11.27
N LEU A 106 18.39 3.57 10.09
CA LEU A 106 17.87 2.21 9.93
C LEU A 106 18.64 1.15 10.73
N ARG A 107 19.96 1.29 10.78
CA ARG A 107 20.79 0.33 11.51
C ARG A 107 20.67 0.46 13.02
N GLN A 108 20.31 1.65 13.48
CA GLN A 108 20.18 1.93 14.89
C GLN A 108 18.84 1.44 15.45
N TYR A 109 17.82 1.46 14.61
CA TYR A 109 16.50 1.03 15.08
C TYR A 109 16.13 -0.39 14.68
N ASN A 110 17.11 -1.13 14.16
CA ASN A 110 16.93 -2.52 13.76
C ASN A 110 16.07 -2.81 12.54
N PHE A 111 15.99 -1.87 11.60
CA PHE A 111 15.19 -2.11 10.39
C PHE A 111 15.99 -2.85 9.33
N ASP A 112 15.33 -3.71 8.58
CA ASP A 112 16.00 -4.49 7.55
C ASP A 112 16.02 -3.79 6.21
N GLY A 113 15.33 -2.66 6.12
CA GLY A 113 15.30 -1.95 4.86
C GLY A 113 14.47 -0.69 4.88
N LEU A 114 14.42 -0.02 3.73
CA LEU A 114 13.68 1.22 3.59
C LEU A 114 12.74 1.18 2.41
N ASN A 115 11.53 1.69 2.63
CA ASN A 115 10.53 1.77 1.58
C ASN A 115 10.35 3.25 1.25
N LEU A 116 10.64 3.61 0.00
CA LEU A 116 10.49 4.97 -0.42
C LEU A 116 9.08 5.06 -1.00
N ASP A 117 8.36 6.09 -0.61
CA ASP A 117 7.21 6.35 -1.04
C ASP A 117 6.81 7.71 -1.55
N TRP A 118 7.72 8.15 -2.41
CA TRP A 118 7.64 9.49 -2.96
C TRP A 118 6.38 9.53 -3.80
N GLN A 119 5.32 10.12 -3.26
CA GLN A 119 4.09 10.15 -4.01
C GLN A 119 4.17 11.01 -5.25
N TYR A 120 4.55 10.31 -6.31
CA TYR A 120 4.67 10.83 -7.65
C TYR A 120 5.80 11.80 -7.91
N PRO A 121 6.93 11.26 -8.43
CA PRO A 121 8.18 11.92 -8.80
C PRO A 121 8.14 12.66 -10.13
N GLY A 122 6.95 12.95 -10.63
CA GLY A 122 6.87 13.67 -11.89
C GLY A 122 5.61 14.51 -12.03
N SER A 123 4.73 14.43 -11.04
CA SER A 123 3.49 15.18 -11.06
C SER A 123 3.20 15.74 -9.67
N ARG A 124 2.01 16.32 -9.50
CA ARG A 124 1.61 16.89 -8.22
C ARG A 124 2.52 18.05 -7.82
N GLY A 125 3.30 18.56 -8.77
CA GLY A 125 4.19 19.66 -8.47
C GLY A 125 5.67 19.33 -8.56
N SER A 126 5.99 18.14 -9.05
CA SER A 126 7.38 17.72 -9.20
C SER A 126 7.74 17.91 -10.67
N PRO A 127 8.88 18.55 -10.97
CA PRO A 127 9.28 18.76 -12.36
C PRO A 127 9.72 17.49 -13.06
N PRO A 128 9.63 17.48 -14.40
CA PRO A 128 10.01 16.31 -15.21
C PRO A 128 11.40 15.75 -14.87
N LYS A 129 12.34 16.63 -14.60
CA LYS A 129 13.71 16.22 -14.27
C LYS A 129 13.77 15.26 -13.08
N ASP A 130 12.75 15.31 -12.23
CA ASP A 130 12.69 14.45 -11.04
C ASP A 130 12.49 12.96 -11.38
N LYS A 131 12.09 12.70 -12.63
CA LYS A 131 11.89 11.34 -13.12
C LYS A 131 13.29 10.75 -13.23
N HIS A 132 14.20 11.57 -13.76
CA HIS A 132 15.61 11.22 -13.95
C HIS A 132 16.31 11.22 -12.58
N LEU A 133 16.04 12.23 -11.78
CA LEU A 133 16.66 12.36 -10.47
C LEU A 133 16.28 11.23 -9.52
N PHE A 134 15.00 10.87 -9.49
CA PHE A 134 14.53 9.80 -8.63
C PHE A 134 15.31 8.54 -8.95
N SER A 135 15.56 8.33 -10.23
CA SER A 135 16.32 7.19 -10.71
C SER A 135 17.75 7.22 -10.17
N VAL A 136 18.33 8.42 -10.16
CA VAL A 136 19.69 8.60 -9.67
C VAL A 136 19.75 8.27 -8.18
N LEU A 137 18.80 8.79 -7.41
CA LEU A 137 18.77 8.53 -5.98
C LEU A 137 18.80 7.05 -5.69
N VAL A 138 18.03 6.28 -6.46
CA VAL A 138 17.93 4.84 -6.28
C VAL A 138 19.24 4.13 -6.53
N LYS A 139 19.83 4.41 -7.69
CA LYS A 139 21.09 3.79 -8.06
C LYS A 139 22.14 4.14 -7.00
N GLU A 140 22.13 5.38 -6.55
CA GLU A 140 23.08 5.83 -5.54
C GLU A 140 22.84 5.17 -4.19
N MET A 141 21.58 5.12 -3.77
CA MET A 141 21.22 4.52 -2.50
C MET A 141 21.48 3.02 -2.48
N ARG A 142 21.20 2.37 -3.60
CA ARG A 142 21.42 0.93 -3.71
C ARG A 142 22.88 0.61 -3.55
N LYS A 143 23.73 1.47 -4.10
CA LYS A 143 25.18 1.30 -4.07
C LYS A 143 25.79 1.43 -2.67
N ALA A 144 25.29 2.35 -1.87
CA ALA A 144 25.81 2.53 -0.53
C ALA A 144 25.37 1.39 0.38
N PHE A 145 24.13 0.93 0.22
CA PHE A 145 23.60 -0.17 1.01
C PHE A 145 24.54 -1.34 0.76
N GLU A 146 24.94 -1.44 -0.49
CA GLU A 146 25.84 -2.47 -0.98
C GLU A 146 27.24 -2.37 -0.40
N GLU A 147 27.79 -1.15 -0.34
CA GLU A 147 29.13 -0.97 0.23
C GLU A 147 29.05 -1.27 1.73
N GLU A 148 28.10 -0.64 2.40
CA GLU A 148 27.91 -0.84 3.83
C GLU A 148 27.85 -2.32 4.18
N SER A 149 27.13 -3.08 3.38
CA SER A 149 26.98 -4.52 3.60
C SER A 149 28.30 -5.27 3.43
N VAL A 150 29.15 -4.73 2.56
CA VAL A 150 30.44 -5.36 2.29
C VAL A 150 31.44 -5.08 3.39
N GLU A 151 31.63 -3.81 3.72
CA GLU A 151 32.57 -3.45 4.78
C GLU A 151 32.14 -3.94 6.15
N LYS A 152 30.97 -3.49 6.60
CA LYS A 152 30.47 -3.89 7.91
C LYS A 152 30.25 -5.40 7.96
N ASP A 153 29.87 -5.96 6.82
CA ASP A 153 29.64 -7.40 6.73
C ASP A 153 28.35 -7.86 7.41
N ILE A 154 27.22 -7.43 6.86
CA ILE A 154 25.92 -7.79 7.40
C ILE A 154 24.93 -7.86 6.25
N PRO A 155 23.90 -8.71 6.39
CA PRO A 155 22.96 -8.77 5.29
C PRO A 155 22.60 -7.34 4.87
N ARG A 156 22.62 -7.10 3.56
CA ARG A 156 22.32 -5.79 3.02
C ARG A 156 20.92 -5.32 3.37
N LEU A 157 20.74 -4.01 3.43
CA LEU A 157 19.44 -3.42 3.75
C LEU A 157 18.64 -3.40 2.48
N LEU A 158 17.37 -3.78 2.56
CA LEU A 158 16.52 -3.80 1.39
C LEU A 158 16.14 -2.40 0.99
N LEU A 159 15.85 -2.22 -0.30
CA LEU A 159 15.45 -0.94 -0.84
C LEU A 159 14.26 -1.18 -1.74
N THR A 160 13.10 -0.72 -1.34
CA THR A 160 11.88 -0.88 -2.14
C THR A 160 11.33 0.49 -2.47
N SER A 161 10.20 0.50 -3.17
CA SER A 161 9.57 1.75 -3.53
C SER A 161 8.17 1.50 -4.06
N THR A 162 7.25 2.42 -3.80
CA THR A 162 5.90 2.28 -4.31
C THR A 162 5.95 2.69 -5.77
N GLY A 163 4.92 2.31 -6.53
CA GLY A 163 4.87 2.65 -7.93
C GLY A 163 3.45 3.03 -8.30
N ALA A 164 3.31 4.05 -9.11
CA ALA A 164 2.00 4.51 -9.51
C ALA A 164 1.16 3.40 -10.14
N GLY A 165 -0.15 3.54 -10.01
CA GLY A 165 -1.08 2.60 -10.57
C GLY A 165 -1.86 3.33 -11.66
N ILE A 166 -1.45 4.56 -11.96
CA ILE A 166 -2.11 5.34 -13.00
C ILE A 166 -1.15 5.56 -14.16
N ILE A 167 -1.48 5.00 -15.32
CA ILE A 167 -0.62 5.12 -16.50
C ILE A 167 0.11 6.47 -16.65
N ASP A 168 -0.65 7.54 -16.83
CA ASP A 168 -0.10 8.88 -17.00
C ASP A 168 0.85 9.36 -15.90
N VAL A 169 0.75 8.78 -14.71
CA VAL A 169 1.62 9.13 -13.59
C VAL A 169 2.89 8.29 -13.70
N ILE A 170 2.74 7.06 -14.17
CA ILE A 170 3.87 6.16 -14.35
C ILE A 170 4.80 6.69 -15.43
N LYS A 171 4.19 7.17 -16.52
CA LYS A 171 4.94 7.69 -17.66
C LYS A 171 5.77 8.94 -17.37
N SER A 172 5.30 9.79 -16.48
CA SER A 172 6.02 11.02 -16.16
C SER A 172 6.96 10.94 -14.98
N GLY A 173 6.88 9.89 -14.18
CA GLY A 173 7.77 9.83 -13.04
C GLY A 173 8.60 8.59 -12.83
N TYR A 174 8.35 7.53 -13.60
CA TYR A 174 9.11 6.29 -13.39
C TYR A 174 9.90 5.74 -14.58
N LYS A 175 11.18 5.49 -14.37
CA LYS A 175 12.06 4.90 -15.37
C LYS A 175 12.07 3.45 -14.92
N ILE A 176 11.18 2.63 -15.48
CA ILE A 176 11.08 1.24 -15.04
C ILE A 176 12.26 0.28 -15.27
N PRO A 177 12.87 0.30 -16.47
CA PRO A 177 13.98 -0.64 -16.65
C PRO A 177 15.11 -0.47 -15.62
N GLU A 178 15.61 0.76 -15.52
CA GLU A 178 16.67 1.09 -14.57
C GLU A 178 16.24 0.86 -13.13
N LEU A 179 15.01 1.28 -12.80
CA LEU A 179 14.46 1.14 -11.46
C LEU A 179 14.32 -0.32 -11.03
N SER A 180 13.86 -1.16 -11.94
CA SER A 180 13.68 -2.58 -11.67
C SER A 180 15.02 -3.30 -11.49
N GLN A 181 16.11 -2.60 -11.79
CA GLN A 181 17.45 -3.15 -11.69
C GLN A 181 18.06 -2.87 -10.33
N SER A 182 17.77 -1.70 -9.78
CA SER A 182 18.31 -1.31 -8.48
C SER A 182 17.43 -1.60 -7.27
N LEU A 183 16.12 -1.67 -7.47
CA LEU A 183 15.20 -1.93 -6.36
C LEU A 183 15.11 -3.41 -6.06
N ASP A 184 14.70 -3.76 -4.84
CA ASP A 184 14.54 -5.16 -4.48
C ASP A 184 13.07 -5.51 -4.74
N TYR A 185 12.18 -4.53 -4.56
CA TYR A 185 10.75 -4.75 -4.78
C TYR A 185 10.07 -3.45 -5.17
N ILE A 186 8.91 -3.55 -5.80
CA ILE A 186 8.14 -2.37 -6.21
C ILE A 186 6.68 -2.61 -5.82
N GLN A 187 6.23 -1.93 -4.76
CA GLN A 187 4.86 -2.08 -4.29
C GLN A 187 3.92 -1.23 -5.13
N VAL A 188 3.22 -1.89 -6.05
CA VAL A 188 2.30 -1.20 -6.95
C VAL A 188 0.95 -0.87 -6.34
N MET A 189 0.65 0.43 -6.36
CA MET A 189 -0.59 0.98 -5.83
C MET A 189 -1.81 0.65 -6.67
N THR A 190 -2.24 -0.62 -6.60
CA THR A 190 -3.40 -1.08 -7.35
C THR A 190 -4.64 -0.91 -6.47
N TYR A 191 -4.93 0.35 -6.11
CA TYR A 191 -6.09 0.68 -5.29
C TYR A 191 -6.34 2.17 -5.44
N ASP A 192 -7.58 2.59 -5.15
CA ASP A 192 -8.01 3.98 -5.27
C ASP A 192 -8.15 4.32 -6.75
N LEU A 193 -8.40 3.31 -7.56
CA LEU A 193 -8.53 3.54 -9.00
C LEU A 193 -9.82 4.28 -9.36
N HIS A 194 -10.73 4.41 -8.39
CA HIS A 194 -11.99 5.12 -8.58
C HIS A 194 -12.34 5.80 -7.26
N ASP A 195 -12.76 7.06 -7.33
CA ASP A 195 -13.13 7.80 -6.12
C ASP A 195 -14.29 8.75 -6.38
N PRO A 196 -15.10 9.03 -5.36
CA PRO A 196 -16.26 9.93 -5.46
C PRO A 196 -16.07 11.19 -6.32
N LYS A 197 -14.82 11.59 -6.52
CA LYS A 197 -14.50 12.76 -7.33
C LYS A 197 -14.88 12.51 -8.79
N ASP A 198 -14.65 11.28 -9.24
CA ASP A 198 -14.96 10.89 -10.61
C ASP A 198 -16.39 11.28 -11.03
N GLY A 199 -17.33 11.26 -10.09
CA GLY A 199 -18.70 11.62 -10.41
C GLY A 199 -19.63 10.44 -10.65
N TYR A 200 -19.09 9.23 -10.53
CA TYR A 200 -19.85 7.98 -10.74
C TYR A 200 -19.36 6.91 -9.75
N THR A 201 -20.16 5.87 -9.57
CA THR A 201 -19.77 4.80 -8.67
C THR A 201 -18.69 3.99 -9.37
N GLY A 202 -17.66 3.62 -8.63
CA GLY A 202 -16.57 2.86 -9.22
C GLY A 202 -15.96 1.95 -8.17
N GLU A 203 -15.03 1.09 -8.58
CA GLU A 203 -14.44 0.17 -7.64
C GLU A 203 -13.02 0.54 -7.23
N ASN A 204 -12.69 0.17 -6.00
CA ASN A 204 -11.40 0.46 -5.41
C ASN A 204 -10.23 -0.27 -6.07
N SER A 205 -10.30 -1.58 -6.12
CA SER A 205 -9.24 -2.36 -6.72
C SER A 205 -9.81 -3.46 -7.60
N PRO A 206 -10.43 -3.10 -8.73
CA PRO A 206 -11.00 -4.13 -9.61
C PRO A 206 -9.92 -4.96 -10.33
N LEU A 207 -10.12 -6.28 -10.36
CA LEU A 207 -9.20 -7.19 -11.03
C LEU A 207 -9.26 -6.98 -12.54
N TYR A 208 -10.47 -6.76 -13.07
CA TYR A 208 -10.63 -6.54 -14.49
C TYR A 208 -11.45 -5.30 -14.82
N LYS A 209 -11.41 -4.95 -16.11
CA LYS A 209 -12.12 -3.80 -16.66
C LYS A 209 -13.62 -4.01 -16.55
N SER A 210 -14.34 -2.90 -16.41
CA SER A 210 -15.77 -2.94 -16.31
C SER A 210 -16.34 -2.60 -17.67
N PRO A 211 -17.46 -3.24 -18.04
CA PRO A 211 -18.08 -2.98 -19.34
C PRO A 211 -18.47 -1.51 -19.52
N TYR A 212 -18.21 -0.72 -18.47
CA TYR A 212 -18.50 0.70 -18.49
C TYR A 212 -17.22 1.53 -18.60
N ASP A 213 -16.09 0.93 -18.24
CA ASP A 213 -14.79 1.60 -18.29
C ASP A 213 -14.49 1.98 -19.74
N ILE A 214 -14.36 3.28 -20.01
CA ILE A 214 -14.06 3.76 -21.35
C ILE A 214 -12.85 4.72 -21.36
N GLY A 215 -12.21 4.88 -22.51
CA GLY A 215 -11.05 5.75 -22.57
C GLY A 215 -9.93 5.32 -21.65
N LYS A 216 -9.39 6.26 -20.88
CA LYS A 216 -8.31 5.94 -19.95
C LYS A 216 -8.77 5.06 -18.79
N SER A 217 -10.07 5.02 -18.54
CA SER A 217 -10.63 4.23 -17.44
C SER A 217 -10.52 2.72 -17.66
N ALA A 218 -10.33 2.33 -18.92
CA ALA A 218 -10.19 0.93 -19.27
C ALA A 218 -8.97 0.31 -18.59
N ASP A 219 -7.97 1.13 -18.30
CA ASP A 219 -6.75 0.64 -17.67
C ASP A 219 -6.83 0.67 -16.15
N LEU A 220 -7.89 1.27 -15.62
CA LEU A 220 -8.07 1.37 -14.18
C LEU A 220 -8.41 0.03 -13.52
N ASN A 221 -7.53 -0.95 -13.67
CA ASN A 221 -7.73 -2.27 -13.08
C ASN A 221 -6.41 -3.01 -12.88
N VAL A 222 -6.37 -3.87 -11.86
CA VAL A 222 -5.15 -4.61 -11.52
C VAL A 222 -4.48 -5.22 -12.73
N ASP A 223 -5.25 -5.98 -13.51
CA ASP A 223 -4.73 -6.65 -14.69
C ASP A 223 -3.98 -5.73 -15.66
N SER A 224 -4.61 -4.62 -16.03
CA SER A 224 -4.00 -3.68 -16.96
C SER A 224 -2.78 -2.96 -16.39
N ILE A 225 -2.88 -2.51 -15.14
CA ILE A 225 -1.77 -1.81 -14.49
C ILE A 225 -0.52 -2.67 -14.44
N ILE A 226 -0.64 -3.86 -13.86
CA ILE A 226 0.46 -4.79 -13.75
C ILE A 226 1.10 -5.07 -15.11
N SER A 227 0.26 -5.24 -16.12
CA SER A 227 0.76 -5.52 -17.47
C SER A 227 1.56 -4.35 -18.05
N TYR A 228 1.14 -3.13 -17.76
CA TYR A 228 1.87 -1.97 -18.25
C TYR A 228 3.26 -2.00 -17.62
N TRP A 229 3.34 -2.27 -16.32
CA TRP A 229 4.62 -2.33 -15.63
C TRP A 229 5.50 -3.42 -16.20
N LYS A 230 4.95 -4.62 -16.32
CA LYS A 230 5.64 -5.78 -16.87
C LYS A 230 6.11 -5.57 -18.32
N ASP A 231 5.26 -4.94 -19.12
CA ASP A 231 5.58 -4.70 -20.52
C ASP A 231 6.62 -3.62 -20.72
N HIS A 232 6.90 -2.86 -19.68
CA HIS A 232 7.87 -1.80 -19.83
C HIS A 232 9.17 -2.03 -19.08
N GLY A 233 9.52 -3.29 -18.90
CA GLY A 233 10.78 -3.60 -18.26
C GLY A 233 10.80 -4.13 -16.86
N ALA A 234 9.69 -4.01 -16.12
CA ALA A 234 9.66 -4.48 -14.75
C ALA A 234 9.67 -6.00 -14.66
N ALA A 235 10.47 -6.53 -13.74
CA ALA A 235 10.55 -7.97 -13.53
C ALA A 235 9.35 -8.42 -12.69
N SER A 236 8.67 -9.46 -13.15
CA SER A 236 7.52 -9.99 -12.44
C SER A 236 7.83 -10.32 -10.98
N GLU A 237 8.95 -11.00 -10.76
CA GLU A 237 9.35 -11.40 -9.41
C GLU A 237 9.44 -10.23 -8.44
N LYS A 238 9.81 -9.07 -8.96
CA LYS A 238 9.99 -7.87 -8.16
C LYS A 238 8.70 -7.09 -7.96
N LEU A 239 7.68 -7.40 -8.74
CA LEU A 239 6.40 -6.72 -8.62
C LEU A 239 5.60 -7.25 -7.44
N ILE A 240 5.09 -6.33 -6.62
CA ILE A 240 4.28 -6.70 -5.45
C ILE A 240 2.95 -5.98 -5.62
N VAL A 241 1.88 -6.75 -5.73
CA VAL A 241 0.54 -6.20 -5.96
C VAL A 241 -0.15 -5.62 -4.74
N GLY A 242 -0.81 -4.48 -4.95
CA GLY A 242 -1.50 -3.81 -3.88
C GLY A 242 -2.85 -4.39 -3.51
N PHE A 243 -3.00 -4.73 -2.23
CA PHE A 243 -4.24 -5.28 -1.71
C PHE A 243 -4.78 -4.38 -0.61
N PRO A 244 -5.83 -3.59 -0.90
CA PRO A 244 -6.44 -2.69 0.08
C PRO A 244 -7.45 -3.35 1.03
N ALA A 245 -7.29 -3.06 2.32
CA ALA A 245 -8.18 -3.60 3.34
C ALA A 245 -9.26 -2.56 3.69
N TYR A 246 -9.78 -1.90 2.67
CA TYR A 246 -10.79 -0.86 2.86
C TYR A 246 -11.55 -0.60 1.55
N GLY A 247 -12.59 0.20 1.62
CA GLY A 247 -13.35 0.52 0.41
C GLY A 247 -13.61 2.01 0.34
N HIS A 248 -14.29 2.47 -0.71
CA HIS A 248 -14.60 3.88 -0.86
C HIS A 248 -16.11 4.04 -0.94
N THR A 249 -16.61 5.02 -0.18
CA THR A 249 -18.05 5.29 -0.11
C THR A 249 -18.45 6.45 -1.02
N PHE A 250 -19.63 6.32 -1.64
CA PHE A 250 -20.20 7.32 -2.54
C PHE A 250 -21.63 7.57 -2.09
N ILE A 251 -22.29 8.57 -2.67
CA ILE A 251 -23.66 8.89 -2.33
C ILE A 251 -24.46 9.01 -3.63
N LEU A 252 -25.29 8.01 -3.91
CA LEU A 252 -26.11 7.98 -5.13
C LEU A 252 -27.11 9.13 -5.18
N SER A 253 -27.26 9.74 -6.34
CA SER A 253 -28.20 10.84 -6.51
C SER A 253 -29.59 10.25 -6.72
N ASP A 254 -29.64 8.96 -7.03
CA ASP A 254 -30.89 8.25 -7.22
C ASP A 254 -30.67 6.84 -6.68
N PRO A 255 -31.30 6.51 -5.54
CA PRO A 255 -31.15 5.18 -4.94
C PRO A 255 -31.66 4.08 -5.86
N SER A 256 -32.27 4.51 -6.95
CA SER A 256 -32.81 3.64 -8.00
C SER A 256 -31.66 3.01 -8.78
N LYS A 257 -30.59 3.77 -8.93
CA LYS A 257 -29.41 3.33 -9.65
C LYS A 257 -28.34 2.97 -8.63
N THR A 258 -28.11 1.68 -8.44
CA THR A 258 -27.12 1.21 -7.49
C THR A 258 -26.02 0.35 -8.10
N GLY A 259 -25.84 0.44 -9.42
CA GLY A 259 -24.82 -0.35 -10.08
C GLY A 259 -23.58 0.43 -10.49
N ILE A 260 -22.58 -0.26 -11.02
CA ILE A 260 -21.34 0.36 -11.45
C ILE A 260 -21.65 1.50 -12.43
N GLY A 261 -20.90 2.59 -12.31
CA GLY A 261 -21.11 3.72 -13.19
C GLY A 261 -22.30 4.59 -12.84
N ALA A 262 -23.00 4.26 -11.75
CA ALA A 262 -24.16 5.01 -11.26
C ALA A 262 -23.74 6.44 -10.93
N PRO A 263 -24.58 7.44 -11.29
CA PRO A 263 -24.22 8.84 -11.01
C PRO A 263 -24.07 9.11 -9.53
N THR A 264 -23.02 9.84 -9.17
CA THR A 264 -22.75 10.17 -7.77
C THR A 264 -22.84 11.65 -7.46
N ILE A 265 -22.94 11.98 -6.16
CA ILE A 265 -23.02 13.37 -5.70
C ILE A 265 -21.78 13.78 -4.89
N SER A 266 -21.34 12.91 -4.00
CA SER A 266 -20.19 13.21 -3.17
C SER A 266 -19.78 11.97 -2.39
N THR A 267 -18.72 12.12 -1.60
CA THR A 267 -18.21 11.02 -0.78
C THR A 267 -19.22 10.68 0.32
N GLY A 268 -18.99 9.55 0.98
CA GLY A 268 -19.87 9.12 2.05
C GLY A 268 -19.41 9.66 3.39
N PRO A 269 -20.28 9.61 4.42
CA PRO A 269 -19.98 10.11 5.77
C PRO A 269 -18.89 9.33 6.52
N PRO A 270 -18.04 10.03 7.28
CA PRO A 270 -16.97 9.38 8.03
C PRO A 270 -17.42 8.13 8.79
N GLY A 271 -16.52 7.17 8.93
CA GLY A 271 -16.83 5.96 9.67
C GLY A 271 -16.55 6.17 11.14
N LYS A 272 -17.18 5.38 11.98
CA LYS A 272 -17.01 5.48 13.42
C LYS A 272 -15.55 5.54 13.92
N TYR A 273 -14.70 4.65 13.42
CA TYR A 273 -13.31 4.58 13.88
C TYR A 273 -12.22 5.20 13.02
N THR A 274 -12.38 5.15 11.71
CA THR A 274 -11.35 5.68 10.84
C THR A 274 -11.46 7.18 10.44
N ASP A 275 -12.51 7.86 10.90
CA ASP A 275 -12.70 9.30 10.70
C ASP A 275 -11.95 9.93 9.54
N GLU A 276 -12.61 9.89 8.40
CA GLU A 276 -12.20 10.47 7.12
C GLU A 276 -13.61 10.56 6.45
N SER A 277 -13.69 10.73 5.14
CA SER A 277 -15.00 10.77 4.40
C SER A 277 -14.54 10.09 3.16
N GLY A 278 -15.37 9.28 2.56
CA GLY A 278 -14.91 8.66 1.34
C GLY A 278 -14.42 7.28 1.58
N LEU A 279 -14.16 6.90 2.83
CA LEU A 279 -13.60 5.57 3.13
C LEU A 279 -14.23 4.82 4.29
N LEU A 280 -13.85 3.56 4.41
CA LEU A 280 -14.37 2.68 5.45
C LEU A 280 -13.44 1.48 5.53
N ALA A 281 -12.96 1.17 6.72
CA ALA A 281 -12.07 0.06 6.85
C ALA A 281 -12.86 -1.20 6.55
N TYR A 282 -12.18 -2.33 6.41
CA TYR A 282 -12.85 -3.59 6.14
C TYR A 282 -13.83 -3.94 7.26
N TYR A 283 -13.35 -3.91 8.51
CA TYR A 283 -14.22 -4.22 9.63
C TYR A 283 -15.43 -3.28 9.73
N GLU A 284 -15.28 -2.04 9.25
CA GLU A 284 -16.38 -1.08 9.29
C GLU A 284 -17.41 -1.41 8.21
N VAL A 285 -16.96 -2.08 7.15
CA VAL A 285 -17.88 -2.47 6.10
C VAL A 285 -18.70 -3.68 6.57
N CYS A 286 -18.11 -4.50 7.43
CA CYS A 286 -18.80 -5.68 7.95
C CYS A 286 -20.03 -5.29 8.76
N THR A 287 -19.92 -4.18 9.50
CA THR A 287 -21.02 -3.68 10.31
C THR A 287 -22.10 -3.19 9.34
N PHE A 288 -21.66 -2.54 8.28
CA PHE A 288 -22.57 -2.01 7.26
C PHE A 288 -23.41 -3.14 6.69
N LEU A 289 -22.75 -4.26 6.37
CA LEU A 289 -23.41 -5.42 5.81
C LEU A 289 -24.36 -5.99 6.85
N ASN A 290 -23.89 -6.02 8.09
CA ASN A 290 -24.64 -6.54 9.22
C ASN A 290 -25.87 -5.70 9.56
N GLU A 291 -25.88 -4.46 9.11
CA GLU A 291 -27.02 -3.60 9.39
C GLU A 291 -27.96 -3.51 8.21
N GLY A 292 -27.96 -4.54 7.38
CA GLY A 292 -28.85 -4.56 6.22
C GLY A 292 -28.41 -3.92 4.92
N ALA A 293 -27.12 -3.89 4.63
CA ALA A 293 -26.65 -3.30 3.38
C ALA A 293 -26.67 -4.37 2.31
N THR A 294 -27.42 -4.14 1.24
CA THR A 294 -27.53 -5.09 0.14
C THR A 294 -26.18 -5.38 -0.53
N GLU A 295 -25.68 -6.59 -0.32
CA GLU A 295 -24.40 -7.01 -0.85
C GLU A 295 -24.49 -7.65 -2.24
N VAL A 296 -23.75 -7.11 -3.20
CA VAL A 296 -23.74 -7.66 -4.55
C VAL A 296 -22.33 -7.88 -5.09
N TRP A 297 -22.17 -8.94 -5.88
CA TRP A 297 -20.89 -9.29 -6.48
C TRP A 297 -20.73 -8.75 -7.90
N ASP A 298 -19.57 -8.16 -8.18
CA ASP A 298 -19.25 -7.61 -9.50
C ASP A 298 -18.52 -8.71 -10.25
N ALA A 299 -19.26 -9.49 -11.05
CA ALA A 299 -18.65 -10.58 -11.79
C ALA A 299 -17.55 -10.12 -12.76
N PRO A 300 -17.84 -9.15 -13.64
CA PRO A 300 -16.82 -8.68 -14.59
C PRO A 300 -15.50 -8.21 -13.97
N GLN A 301 -15.58 -7.57 -12.81
CA GLN A 301 -14.38 -7.05 -12.17
C GLN A 301 -13.93 -7.89 -10.99
N GLU A 302 -14.66 -8.96 -10.72
CA GLU A 302 -14.30 -9.88 -9.63
C GLU A 302 -14.14 -9.26 -8.23
N VAL A 303 -15.00 -8.31 -7.88
CA VAL A 303 -14.93 -7.68 -6.55
C VAL A 303 -16.34 -7.38 -6.04
N PRO A 304 -16.50 -7.25 -4.72
CA PRO A 304 -17.82 -6.97 -4.15
C PRO A 304 -18.12 -5.47 -3.99
N TYR A 305 -19.40 -5.18 -3.80
CA TYR A 305 -19.87 -3.81 -3.57
C TYR A 305 -21.26 -3.91 -2.94
N ALA A 306 -21.52 -3.08 -1.93
CA ALA A 306 -22.81 -3.10 -1.24
C ALA A 306 -23.45 -1.71 -1.21
N TYR A 307 -24.73 -1.63 -0.87
CA TYR A 307 -25.40 -0.33 -0.79
C TYR A 307 -26.56 -0.30 0.21
N GLN A 308 -26.79 0.88 0.78
CA GLN A 308 -27.85 1.11 1.76
C GLN A 308 -28.44 2.50 1.53
N GLY A 309 -29.71 2.55 1.13
CA GLY A 309 -30.33 3.84 0.87
C GLY A 309 -29.53 4.51 -0.24
N ASN A 310 -28.95 5.66 0.07
CA ASN A 310 -28.15 6.36 -0.93
C ASN A 310 -26.65 6.25 -0.61
N GLU A 311 -26.28 5.16 0.07
CA GLU A 311 -24.90 4.88 0.47
C GLU A 311 -24.31 3.69 -0.31
N TRP A 312 -23.32 3.95 -1.15
CA TRP A 312 -22.69 2.91 -1.98
C TRP A 312 -21.24 2.63 -1.56
N VAL A 313 -20.88 1.36 -1.45
CA VAL A 313 -19.51 0.99 -1.05
C VAL A 313 -18.80 -0.03 -1.94
N GLY A 314 -17.65 0.36 -2.48
CA GLY A 314 -16.87 -0.51 -3.34
C GLY A 314 -15.66 -0.98 -2.57
N TYR A 315 -15.63 -2.27 -2.23
CA TYR A 315 -14.53 -2.79 -1.43
C TYR A 315 -13.97 -4.13 -1.91
N ASP A 316 -13.36 -4.86 -0.98
CA ASP A 316 -12.77 -6.16 -1.24
C ASP A 316 -13.14 -7.08 -0.08
N ASN A 317 -13.39 -8.35 -0.35
CA ASN A 317 -13.70 -9.28 0.73
C ASN A 317 -12.77 -10.47 0.60
N VAL A 318 -13.06 -11.56 1.31
CA VAL A 318 -12.20 -12.74 1.24
C VAL A 318 -12.24 -13.34 -0.16
N ARG A 319 -13.43 -13.38 -0.75
CA ARG A 319 -13.59 -13.94 -2.08
C ARG A 319 -12.80 -13.20 -3.16
N SER A 320 -12.79 -11.87 -3.11
CA SER A 320 -12.06 -11.07 -4.08
C SER A 320 -10.54 -11.18 -3.89
N PHE A 321 -10.11 -11.42 -2.66
CA PHE A 321 -8.70 -11.58 -2.33
C PHE A 321 -8.21 -12.93 -2.85
N LYS A 322 -9.00 -13.98 -2.59
CA LYS A 322 -8.70 -15.35 -3.05
C LYS A 322 -8.59 -15.34 -4.56
N LEU A 323 -9.61 -14.81 -5.21
CA LEU A 323 -9.63 -14.73 -6.66
C LEU A 323 -8.41 -13.97 -7.16
N LYS A 324 -8.03 -12.92 -6.44
CA LYS A 324 -6.90 -12.08 -6.80
C LYS A 324 -5.57 -12.78 -6.51
N ALA A 325 -5.55 -13.62 -5.48
CA ALA A 325 -4.34 -14.34 -5.12
C ALA A 325 -4.07 -15.44 -6.16
N GLN A 326 -5.12 -15.97 -6.76
CA GLN A 326 -4.92 -17.00 -7.75
C GLN A 326 -4.36 -16.36 -9.02
N TRP A 327 -4.87 -15.18 -9.37
CA TRP A 327 -4.42 -14.44 -10.54
C TRP A 327 -2.95 -14.10 -10.34
N LEU A 328 -2.58 -13.83 -9.08
CA LEU A 328 -1.21 -13.47 -8.74
C LEU A 328 -0.18 -14.46 -9.30
N LYS A 329 -0.65 -15.60 -9.77
CA LYS A 329 0.24 -16.60 -10.37
C LYS A 329 0.39 -16.27 -11.88
N ASP A 330 1.05 -15.13 -12.08
CA ASP A 330 1.38 -14.57 -13.38
C ASP A 330 2.87 -14.41 -13.08
N ASN A 331 3.43 -15.42 -12.42
CA ASN A 331 4.83 -15.42 -11.99
C ASN A 331 5.03 -14.07 -11.31
N ASN A 332 3.93 -13.57 -10.75
CA ASN A 332 3.94 -12.30 -10.05
C ASN A 332 4.55 -12.62 -8.72
N LEU A 333 5.62 -13.38 -8.75
CA LEU A 333 6.30 -13.76 -7.54
C LEU A 333 6.46 -12.50 -6.69
N GLY A 334 7.21 -12.60 -5.61
CA GLY A 334 7.27 -11.45 -4.77
C GLY A 334 5.87 -11.72 -4.26
N GLY A 335 4.86 -10.96 -4.68
CA GLY A 335 3.54 -11.26 -4.19
C GLY A 335 2.59 -10.13 -3.89
N ALA A 336 2.25 -9.94 -2.63
CA ALA A 336 1.28 -8.91 -2.27
C ALA A 336 1.56 -8.08 -1.02
N VAL A 337 0.97 -6.90 -0.99
CA VAL A 337 1.09 -5.99 0.14
C VAL A 337 -0.30 -5.58 0.63
N VAL A 338 -0.51 -5.69 1.95
CA VAL A 338 -1.80 -5.33 2.54
C VAL A 338 -1.76 -3.87 2.97
N TRP A 339 -2.69 -3.09 2.44
CA TRP A 339 -2.73 -1.66 2.73
C TRP A 339 -4.08 -1.16 3.23
N PRO A 340 -4.22 -0.96 4.55
CA PRO A 340 -3.25 -1.15 5.63
C PRO A 340 -3.74 -2.29 6.51
N LEU A 341 -2.82 -2.93 7.21
CA LEU A 341 -3.14 -4.04 8.11
C LEU A 341 -4.16 -3.66 9.18
N ASP A 342 -3.97 -2.51 9.80
CA ASP A 342 -4.85 -2.06 10.87
C ASP A 342 -6.28 -1.82 10.43
N MET A 343 -6.54 -1.98 9.14
CA MET A 343 -7.90 -1.77 8.65
C MET A 343 -8.58 -3.09 8.34
N ASP A 344 -7.92 -4.16 8.72
CA ASP A 344 -8.41 -5.51 8.52
C ASP A 344 -9.01 -5.90 9.87
N ASP A 345 -10.01 -6.77 9.88
CA ASP A 345 -10.62 -7.18 11.15
C ASP A 345 -9.62 -7.99 11.97
N PHE A 346 -8.66 -7.28 12.56
CA PHE A 346 -7.60 -7.86 13.36
C PHE A 346 -8.05 -8.52 14.67
N SER A 347 -9.24 -8.20 15.14
CA SER A 347 -9.75 -8.76 16.39
C SER A 347 -10.88 -9.78 16.21
N GLY A 348 -11.50 -9.77 15.04
CA GLY A 348 -12.59 -10.71 14.78
C GLY A 348 -13.90 -10.23 15.34
N SER A 349 -13.86 -9.05 15.94
CA SER A 349 -15.06 -8.48 16.53
C SER A 349 -16.17 -8.09 15.57
N PHE A 350 -15.83 -7.39 14.50
CA PHE A 350 -16.81 -6.91 13.52
C PHE A 350 -17.22 -7.94 12.47
N CYS A 351 -16.22 -8.60 11.87
CA CYS A 351 -16.45 -9.65 10.90
C CYS A 351 -16.13 -10.90 11.69
N HIS A 352 -17.16 -11.67 12.05
CA HIS A 352 -16.94 -12.86 12.84
C HIS A 352 -16.28 -13.98 12.06
N GLN A 353 -15.14 -13.68 11.44
CA GLN A 353 -14.38 -14.65 10.67
C GLN A 353 -12.93 -14.68 11.17
N ARG A 354 -12.77 -14.72 12.48
CA ARG A 354 -11.46 -14.77 13.12
C ARG A 354 -10.57 -13.56 12.85
N HIS A 355 -9.33 -13.64 13.34
CA HIS A 355 -8.37 -12.54 13.18
C HIS A 355 -7.80 -12.41 11.78
N PHE A 356 -7.70 -11.17 11.32
CA PHE A 356 -7.18 -10.86 10.00
C PHE A 356 -7.77 -11.82 8.97
N PRO A 357 -9.06 -11.64 8.64
CA PRO A 357 -9.68 -12.54 7.65
C PRO A 357 -9.07 -12.34 6.26
N LEU A 358 -8.92 -11.08 5.85
CA LEU A 358 -8.37 -10.73 4.56
C LEU A 358 -6.91 -11.14 4.40
N THR A 359 -6.09 -10.87 5.42
CA THR A 359 -4.68 -11.21 5.36
C THR A 359 -4.46 -12.70 5.54
N SER A 360 -5.32 -13.33 6.33
CA SER A 360 -5.24 -14.77 6.58
C SER A 360 -5.49 -15.53 5.28
N THR A 361 -6.31 -14.95 4.41
CA THR A 361 -6.63 -15.53 3.12
C THR A 361 -5.40 -15.51 2.21
N LEU A 362 -4.79 -14.33 2.10
CA LEU A 362 -3.59 -14.12 1.28
C LEU A 362 -2.46 -15.00 1.78
N LYS A 363 -2.33 -15.11 3.10
CA LYS A 363 -1.29 -15.90 3.72
C LYS A 363 -1.44 -17.37 3.37
N GLY A 364 -2.65 -17.88 3.46
CA GLY A 364 -2.89 -19.27 3.13
C GLY A 364 -2.72 -19.59 1.66
N ASP A 365 -3.21 -18.71 0.80
CA ASP A 365 -3.11 -18.92 -0.64
C ASP A 365 -1.73 -18.65 -1.24
N LEU A 366 -0.86 -17.97 -0.50
CA LEU A 366 0.47 -17.69 -1.00
C LEU A 366 1.40 -18.61 -0.24
N ASN A 367 0.80 -19.50 0.55
CA ASN A 367 1.56 -20.46 1.35
C ASN A 367 2.73 -19.75 1.99
N ILE A 368 2.45 -18.84 2.91
CA ILE A 368 3.54 -18.11 3.54
C ILE A 368 4.45 -18.99 4.41
N HIS A 369 5.71 -18.95 3.97
CA HIS A 369 6.84 -19.70 4.49
C HIS A 369 7.55 -19.21 5.74
N SER A 370 7.54 -19.99 6.82
CA SER A 370 8.32 -19.57 7.99
C SER A 370 8.56 -20.75 8.88
N ALA A 371 9.82 -21.02 9.15
CA ALA A 371 10.14 -22.11 10.03
C ALA A 371 9.75 -21.74 11.46
N SER A 372 8.47 -21.47 11.70
CA SER A 372 8.09 -21.14 13.05
C SER A 372 6.69 -21.53 13.49
#